data_9KFN
#
_entry.id   9KFN
#
_cell.length_a   126.112
_cell.length_b   126.112
_cell.length_c   38.962
_cell.angle_alpha   90.00
_cell.angle_beta   90.00
_cell.angle_gamma   120.00
#
_symmetry.space_group_name_H-M   'P 63'
#
loop_
_entity.id
_entity.type
_entity.pdbx_description
1 polymer 'WD repeat-containing protein 5'
2 polymer EMBOW
#
loop_
_entity_poly.entity_id
_entity_poly.type
_entity_poly.pdbx_seq_one_letter_code
_entity_poly.pdbx_strand_id
1 'polypeptide(L)'
;GSHMTQSKPTPVKPNYALKFTLAGHTKAVSSVKFSPNGEWLASSSADKLIKIWGAYDGKFEKTISGHKLGISDVAWSSDS
NLLVSASDDKTLKIWDVSSGKCLKTLKGHSNYVFCCNFNPQSNLIVSGSFDESVRIWDVKTGKCLKTLPAHSDPVSAVHF
NRDGSLIVSSSYDGLCRIWDTASGQCLKTLIDDDNPPVSFVKFSPNGKYILAATLDNTLKLWDYSKGKCLKTYTGHKNEK
YCIFANFSVTGGKWIVSGSEDNLVYIWNLQTKEIVQKLQGHTDVVISTACHPTENIIASAALENDKTIKLWKSDC
;
B
2 'polypeptide(L)' MRVEPR D
#
# COMPACT_ATOMS: atom_id res chain seq x y z
N VAL A 12 -11.15 17.04 18.55
CA VAL A 12 -9.81 17.33 18.05
C VAL A 12 -9.74 17.05 16.55
N LYS A 13 -9.18 17.99 15.80
CA LYS A 13 -8.97 17.83 14.36
C LYS A 13 -7.53 18.17 13.99
N PRO A 14 -6.96 17.45 13.03
CA PRO A 14 -5.58 17.73 12.61
C PRO A 14 -5.53 18.99 11.76
N ASN A 15 -4.31 19.48 11.56
CA ASN A 15 -4.08 20.68 10.75
C ASN A 15 -2.91 20.44 9.78
N TYR A 16 -2.96 19.33 9.05
CA TYR A 16 -1.92 19.02 8.08
C TYR A 16 -1.76 20.14 7.06
N ALA A 17 -0.52 20.54 6.83
CA ALA A 17 -0.17 21.59 5.90
C ALA A 17 0.97 21.13 5.02
N LEU A 18 0.97 21.64 3.79
CA LEU A 18 2.00 21.27 2.82
C LEU A 18 3.36 21.79 3.26
N LYS A 19 4.34 20.88 3.31
CA LYS A 19 5.72 21.24 3.63
C LYS A 19 6.62 21.16 2.41
N PHE A 20 6.46 20.12 1.60
CA PHE A 20 7.28 19.94 0.42
C PHE A 20 6.45 19.30 -0.68
N THR A 21 6.85 19.59 -1.91
CA THR A 21 6.45 18.82 -3.08
C THR A 21 7.71 18.20 -3.64
N LEU A 22 7.62 16.95 -4.09
CA LEU A 22 8.77 16.21 -4.60
C LEU A 22 8.50 15.85 -6.06
N ALA A 23 9.35 16.33 -6.96
CA ALA A 23 9.20 16.08 -8.38
C ALA A 23 10.40 15.33 -8.92
N GLY A 24 10.20 14.61 -10.02
CA GLY A 24 11.27 13.82 -10.59
C GLY A 24 10.85 12.55 -11.28
N HIS A 25 9.70 11.98 -10.92
CA HIS A 25 9.16 10.88 -11.71
C HIS A 25 8.58 11.42 -13.03
N THR A 26 8.83 10.70 -14.12
CA THR A 26 8.40 11.16 -15.43
C THR A 26 7.07 10.59 -15.88
N LYS A 27 6.48 9.66 -15.11
CA LYS A 27 5.11 9.22 -15.29
C LYS A 27 4.42 9.21 -13.94
N ALA A 28 3.17 8.75 -13.94
CA ALA A 28 2.36 8.70 -12.73
C ALA A 28 3.06 7.91 -11.64
N VAL A 29 2.98 8.42 -10.41
CA VAL A 29 3.49 7.71 -9.25
C VAL A 29 2.45 6.69 -8.80
N SER A 30 2.90 5.53 -8.34
CA SER A 30 2.01 4.44 -8.00
C SER A 30 1.96 4.11 -6.51
N SER A 31 3.02 4.41 -5.75
CA SER A 31 3.05 4.03 -4.36
C SER A 31 4.15 4.81 -3.65
N VAL A 32 3.88 5.17 -2.38
CA VAL A 32 4.88 5.78 -1.51
C VAL A 32 4.81 5.10 -0.14
N LYS A 33 5.98 4.89 0.47
CA LYS A 33 6.07 4.23 1.76
C LYS A 33 7.22 4.85 2.55
N PHE A 34 6.99 5.10 3.83
CA PHE A 34 8.07 5.50 4.73
C PHE A 34 8.88 4.29 5.16
N SER A 35 10.18 4.49 5.33
CA SER A 35 11.01 3.44 5.91
C SER A 35 10.66 3.26 7.38
N PRO A 36 10.71 2.05 7.91
CA PRO A 36 10.36 1.84 9.32
C PRO A 36 11.14 2.71 10.28
N ASN A 37 12.39 3.05 9.95
CA ASN A 37 13.18 3.94 10.79
C ASN A 37 12.85 5.41 10.60
N GLY A 38 11.85 5.72 9.79
CA GLY A 38 11.39 7.09 9.63
C GLY A 38 12.30 7.99 8.82
N GLU A 39 13.46 7.50 8.39
CA GLU A 39 14.41 8.33 7.67
C GLU A 39 13.93 8.67 6.26
N TRP A 40 13.31 7.71 5.58
CA TRP A 40 13.24 7.72 4.14
C TRP A 40 11.81 7.58 3.66
N LEU A 41 11.53 8.17 2.50
CA LEU A 41 10.35 7.88 1.71
C LEU A 41 10.80 7.22 0.42
N ALA A 42 10.17 6.10 0.09
CA ALA A 42 10.39 5.41 -1.18
C ALA A 42 9.16 5.54 -2.04
N SER A 43 9.35 5.84 -3.32
CA SER A 43 8.25 5.96 -4.27
C SER A 43 8.54 5.11 -5.48
N SER A 44 7.50 4.45 -5.99
CA SER A 44 7.57 3.66 -7.20
C SER A 44 6.71 4.31 -8.26
N SER A 45 7.04 4.09 -9.54
CA SER A 45 6.22 4.79 -10.53
C SER A 45 6.15 4.03 -11.85
N ALA A 46 5.20 4.47 -12.68
CA ALA A 46 5.01 3.88 -14.00
C ALA A 46 6.24 4.01 -14.89
N ASP A 47 7.12 4.97 -14.58
CA ASP A 47 8.30 5.22 -15.38
C ASP A 47 9.39 4.18 -15.10
N LYS A 48 9.01 3.07 -14.48
CA LYS A 48 9.88 1.93 -14.18
C LYS A 48 10.92 2.24 -13.12
N LEU A 49 10.78 3.31 -12.34
CA LEU A 49 11.79 3.71 -11.39
C LEU A 49 11.25 3.71 -9.96
N ILE A 50 12.16 3.41 -9.02
CA ILE A 50 12.00 3.69 -7.60
C ILE A 50 12.88 4.89 -7.29
N LYS A 51 12.39 5.81 -6.46
CA LYS A 51 13.18 6.94 -5.99
C LYS A 51 13.12 7.02 -4.48
N ILE A 52 14.26 7.36 -3.88
CA ILE A 52 14.40 7.50 -2.43
C ILE A 52 14.64 8.96 -2.12
N TRP A 53 13.87 9.48 -1.15
CA TRP A 53 13.85 10.87 -0.71
C TRP A 53 13.99 10.92 0.81
N GLY A 54 14.55 12.02 1.30
CA GLY A 54 14.59 12.25 2.74
C GLY A 54 13.20 12.56 3.27
N ALA A 55 12.81 11.89 4.35
CA ALA A 55 11.45 12.03 4.87
C ALA A 55 11.19 13.41 5.45
N TYR A 56 12.20 14.01 6.09
CA TYR A 56 12.00 15.25 6.83
C TYR A 56 12.34 16.50 6.05
N ASP A 57 13.24 16.42 5.07
CA ASP A 57 13.58 17.60 4.27
C ASP A 57 13.15 17.49 2.82
N GLY A 58 12.62 16.34 2.38
CA GLY A 58 12.18 16.18 1.01
C GLY A 58 13.28 16.08 -0.01
N LYS A 59 14.54 16.00 0.44
CA LYS A 59 15.67 16.00 -0.49
C LYS A 59 15.75 14.66 -1.22
N PHE A 60 15.87 14.74 -2.55
CA PHE A 60 16.06 13.55 -3.36
C PHE A 60 17.39 12.90 -3.01
N GLU A 61 17.35 11.58 -2.80
CA GLU A 61 18.55 10.84 -2.45
C GLU A 61 19.06 9.98 -3.58
N LYS A 62 18.22 9.12 -4.16
CA LYS A 62 18.73 8.35 -5.29
C LYS A 62 17.60 7.75 -6.12
N THR A 63 17.98 7.22 -7.28
CA THR A 63 17.11 6.47 -8.15
C THR A 63 17.58 5.03 -8.23
N ILE A 64 16.62 4.10 -8.24
CA ILE A 64 16.87 2.68 -8.35
C ILE A 64 16.09 2.17 -9.56
N SER A 65 16.77 1.45 -10.45
CA SER A 65 16.22 1.08 -11.74
C SER A 65 16.61 -0.36 -12.06
N GLY A 66 15.93 -0.92 -13.07
CA GLY A 66 16.19 -2.29 -13.47
C GLY A 66 14.96 -3.05 -13.92
N HIS A 67 13.78 -2.64 -13.47
CA HIS A 67 12.56 -3.25 -13.96
C HIS A 67 12.34 -2.88 -15.42
N LYS A 68 11.80 -3.83 -16.20
CA LYS A 68 11.57 -3.60 -17.62
C LYS A 68 10.24 -2.92 -17.92
N LEU A 69 9.32 -2.88 -16.95
CA LEU A 69 8.04 -2.20 -17.10
C LEU A 69 7.75 -1.43 -15.82
N GLY A 70 6.57 -0.82 -15.76
CA GLY A 70 6.23 0.01 -14.62
C GLY A 70 6.10 -0.77 -13.33
N ILE A 71 6.13 -0.04 -12.22
CA ILE A 71 6.08 -0.60 -10.87
C ILE A 71 4.80 -0.14 -10.18
N SER A 72 4.04 -1.09 -9.64
CA SER A 72 2.77 -0.79 -8.97
C SER A 72 2.88 -0.72 -7.46
N ASP A 73 3.95 -1.23 -6.85
CA ASP A 73 4.05 -1.21 -5.39
C ASP A 73 5.51 -1.34 -4.98
N VAL A 74 5.78 -0.91 -3.74
CA VAL A 74 7.10 -1.02 -3.14
C VAL A 74 6.93 -1.14 -1.63
N ALA A 75 7.85 -1.86 -0.99
CA ALA A 75 7.74 -2.11 0.44
C ALA A 75 9.14 -2.21 1.05
N TRP A 76 9.21 -1.89 2.35
CA TRP A 76 10.47 -1.87 3.10
C TRP A 76 10.60 -3.13 3.97
N SER A 77 11.84 -3.56 4.15
CA SER A 77 12.11 -4.54 5.20
C SER A 77 12.09 -3.84 6.56
N SER A 78 12.00 -4.65 7.61
CA SER A 78 11.89 -4.08 8.95
CA SER A 78 11.90 -4.09 8.96
C SER A 78 13.11 -3.25 9.32
N ASP A 79 14.30 -3.69 8.92
CA ASP A 79 15.53 -2.97 9.27
C ASP A 79 15.82 -1.78 8.36
N SER A 80 14.92 -1.48 7.41
CA SER A 80 15.02 -0.34 6.49
C SER A 80 16.17 -0.47 5.51
N ASN A 81 16.74 -1.66 5.36
CA ASN A 81 17.88 -1.87 4.47
C ASN A 81 17.49 -2.43 3.10
N LEU A 82 16.34 -3.07 2.99
CA LEU A 82 15.92 -3.71 1.75
C LEU A 82 14.62 -3.10 1.26
N LEU A 83 14.45 -3.11 -0.06
CA LEU A 83 13.17 -2.82 -0.68
C LEU A 83 12.74 -3.99 -1.56
N VAL A 84 11.44 -4.14 -1.73
CA VAL A 84 10.89 -5.07 -2.72
C VAL A 84 9.93 -4.29 -3.61
N SER A 85 9.98 -4.58 -4.90
CA SER A 85 9.11 -3.92 -5.86
C SER A 85 8.36 -4.94 -6.69
N ALA A 86 7.12 -4.57 -7.05
CA ALA A 86 6.20 -5.39 -7.83
C ALA A 86 5.94 -4.68 -9.15
N SER A 87 6.10 -5.40 -10.27
CA SER A 87 6.17 -4.73 -11.55
C SER A 87 5.32 -5.42 -12.61
N ASP A 88 4.99 -4.67 -13.64
CA ASP A 88 4.27 -5.18 -14.80
C ASP A 88 5.11 -6.14 -15.64
N ASP A 89 6.41 -6.20 -15.42
CA ASP A 89 7.22 -7.18 -16.14
C ASP A 89 7.12 -8.58 -15.53
N LYS A 90 6.15 -8.79 -14.64
CA LYS A 90 5.73 -10.07 -14.05
C LYS A 90 6.68 -10.56 -12.97
N THR A 91 7.62 -9.74 -12.53
CA THR A 91 8.58 -10.13 -11.50
C THR A 91 8.48 -9.20 -10.30
N LEU A 92 9.00 -9.67 -9.18
CA LEU A 92 9.35 -8.77 -8.09
C LEU A 92 10.87 -8.65 -8.02
N LYS A 93 11.36 -7.54 -7.47
CA LYS A 93 12.79 -7.40 -7.28
C LYS A 93 13.11 -6.96 -5.86
N ILE A 94 14.11 -7.63 -5.26
CA ILE A 94 14.63 -7.27 -3.95
C ILE A 94 15.92 -6.48 -4.14
N TRP A 95 15.95 -5.29 -3.54
CA TRP A 95 17.00 -4.29 -3.70
C TRP A 95 17.67 -4.01 -2.36
N ASP A 96 18.99 -3.86 -2.41
CA ASP A 96 19.75 -3.25 -1.33
C ASP A 96 19.67 -1.73 -1.49
N VAL A 97 19.13 -1.04 -0.49
CA VAL A 97 18.82 0.37 -0.62
C VAL A 97 20.10 1.22 -0.69
N SER A 98 21.08 0.90 0.15
CA SER A 98 22.28 1.72 0.24
C SER A 98 23.09 1.68 -1.06
N SER A 99 23.14 0.52 -1.71
CA SER A 99 23.90 0.38 -2.94
C SER A 99 23.05 0.50 -4.21
N GLY A 100 21.74 0.35 -4.09
CA GLY A 100 20.86 0.44 -5.24
C GLY A 100 20.86 -0.79 -6.12
N LYS A 101 21.59 -1.83 -5.77
CA LYS A 101 21.71 -3.02 -6.60
C LYS A 101 20.52 -3.94 -6.38
N CYS A 102 20.16 -4.65 -7.45
CA CYS A 102 19.13 -5.67 -7.35
C CYS A 102 19.75 -6.93 -6.77
N LEU A 103 19.27 -7.33 -5.59
CA LEU A 103 19.80 -8.55 -4.99
C LEU A 103 19.13 -9.78 -5.57
N LYS A 104 17.81 -9.74 -5.74
CA LYS A 104 17.11 -10.91 -6.26
C LYS A 104 16.00 -10.48 -7.22
N THR A 105 15.70 -11.37 -8.17
CA THR A 105 14.51 -11.25 -9.02
C THR A 105 13.63 -12.46 -8.78
N LEU A 106 12.42 -12.20 -8.28
CA LEU A 106 11.44 -13.23 -7.96
C LEU A 106 10.55 -13.42 -9.18
N LYS A 107 10.64 -14.60 -9.79
CA LYS A 107 9.92 -14.95 -11.00
C LYS A 107 8.96 -16.09 -10.70
N GLY A 108 7.85 -16.14 -11.45
CA GLY A 108 6.88 -17.19 -11.26
C GLY A 108 5.45 -16.77 -11.45
N HIS A 109 5.12 -15.50 -11.20
CA HIS A 109 3.81 -15.00 -11.58
C HIS A 109 3.68 -15.00 -13.09
N SER A 110 2.46 -15.26 -13.57
CA SER A 110 2.18 -15.27 -15.00
C SER A 110 1.46 -14.01 -15.47
N ASN A 111 1.43 -12.96 -14.65
CA ASN A 111 0.81 -11.71 -15.06
C ASN A 111 1.45 -10.57 -14.27
N TYR A 112 0.93 -9.37 -14.48
CA TYR A 112 1.42 -8.19 -13.76
C TYR A 112 1.37 -8.45 -12.26
N VAL A 113 2.47 -8.16 -11.55
CA VAL A 113 2.46 -8.18 -10.09
C VAL A 113 2.01 -6.80 -9.63
N PHE A 114 1.14 -6.77 -8.62
CA PHE A 114 0.41 -5.56 -8.29
C PHE A 114 0.74 -5.00 -6.91
N CYS A 115 1.03 -5.87 -5.94
CA CYS A 115 1.20 -5.46 -4.55
C CYS A 115 2.21 -6.39 -3.89
N CYS A 116 2.84 -5.89 -2.83
CA CYS A 116 3.88 -6.67 -2.16
C CYS A 116 4.10 -6.12 -0.75
N ASN A 117 4.69 -6.95 0.11
CA ASN A 117 4.97 -6.58 1.49
C ASN A 117 5.90 -7.62 2.12
N PHE A 118 6.80 -7.14 2.97
CA PHE A 118 7.59 -8.00 3.84
C PHE A 118 6.75 -8.41 5.06
N ASN A 119 7.12 -9.53 5.68
CA ASN A 119 6.61 -9.81 7.02
C ASN A 119 7.49 -9.10 8.03
N PRO A 120 7.03 -8.98 9.29
CA PRO A 120 7.85 -8.27 10.29
C PRO A 120 9.26 -8.82 10.43
N GLN A 121 9.40 -10.15 10.49
CA GLN A 121 10.75 -10.73 10.55
C GLN A 121 11.56 -10.39 9.31
N SER A 122 10.88 -10.15 8.18
CA SER A 122 11.48 -9.80 6.90
C SER A 122 12.27 -10.94 6.28
N ASN A 123 11.97 -12.17 6.67
CA ASN A 123 12.46 -13.34 5.94
C ASN A 123 11.52 -13.78 4.83
N LEU A 124 10.30 -13.23 4.79
CA LEU A 124 9.29 -13.59 3.80
C LEU A 124 8.80 -12.35 3.06
N ILE A 125 8.43 -12.55 1.81
CA ILE A 125 7.73 -11.53 1.01
C ILE A 125 6.44 -12.12 0.49
N VAL A 126 5.35 -11.37 0.58
CA VAL A 126 4.06 -11.78 0.03
C VAL A 126 3.73 -10.87 -1.15
N SER A 127 3.19 -11.46 -2.22
CA SER A 127 2.86 -10.73 -3.42
C SER A 127 1.49 -11.17 -3.94
N GLY A 128 0.81 -10.25 -4.60
CA GLY A 128 -0.44 -10.57 -5.28
C GLY A 128 -0.39 -10.09 -6.71
N SER A 129 -1.00 -10.87 -7.60
CA SER A 129 -0.85 -10.56 -9.01
C SER A 129 -2.17 -10.60 -9.75
N PHE A 130 -2.13 -10.09 -10.99
CA PHE A 130 -3.29 -10.16 -11.88
C PHE A 130 -3.63 -11.59 -12.29
N ASP A 131 -2.72 -12.54 -12.07
CA ASP A 131 -3.00 -13.96 -12.34
C ASP A 131 -3.85 -14.59 -11.24
N GLU A 132 -4.52 -13.75 -10.46
CA GLU A 132 -5.46 -14.17 -9.41
C GLU A 132 -4.79 -15.11 -8.41
N SER A 133 -3.55 -14.79 -8.03
CA SER A 133 -2.78 -15.65 -7.15
C SER A 133 -1.98 -14.81 -6.16
N VAL A 134 -1.70 -15.42 -5.00
CA VAL A 134 -0.86 -14.83 -3.97
C VAL A 134 0.36 -15.73 -3.79
N ARG A 135 1.54 -15.15 -3.72
CA ARG A 135 2.75 -15.95 -3.58
C ARG A 135 3.56 -15.52 -2.36
N ILE A 136 4.18 -16.50 -1.71
CA ILE A 136 5.05 -16.28 -0.56
C ILE A 136 6.45 -16.74 -0.94
N TRP A 137 7.41 -15.82 -0.81
CA TRP A 137 8.78 -15.94 -1.28
C TRP A 137 9.76 -15.86 -0.12
N ASP A 138 10.86 -16.59 -0.27
CA ASP A 138 11.98 -16.53 0.66
C ASP A 138 12.92 -15.39 0.26
N VAL A 139 13.22 -14.51 1.21
CA VAL A 139 14.04 -13.35 0.91
C VAL A 139 15.48 -13.76 0.59
N LYS A 140 16.02 -14.72 1.35
CA LYS A 140 17.43 -15.08 1.22
C LYS A 140 17.71 -15.76 -0.11
N THR A 141 16.86 -16.71 -0.51
CA THR A 141 17.10 -17.46 -1.73
C THR A 141 16.32 -16.96 -2.94
N GLY A 142 15.28 -16.15 -2.71
CA GLY A 142 14.45 -15.69 -3.80
C GLY A 142 13.51 -16.74 -4.36
N LYS A 143 13.53 -17.96 -3.83
CA LYS A 143 12.64 -19.02 -4.29
C LYS A 143 11.22 -18.78 -3.81
N CYS A 144 10.26 -19.23 -4.60
CA CYS A 144 8.85 -19.17 -4.20
C CYS A 144 8.56 -20.33 -3.27
N LEU A 145 8.06 -20.02 -2.06
CA LEU A 145 7.72 -21.07 -1.11
C LEU A 145 6.30 -21.57 -1.27
N LYS A 146 5.35 -20.66 -1.51
CA LYS A 146 3.96 -21.09 -1.62
C LYS A 146 3.21 -20.27 -2.65
N THR A 147 2.29 -20.93 -3.36
CA THR A 147 1.37 -20.26 -4.28
C THR A 147 -0.06 -20.56 -3.81
N LEU A 148 -0.73 -19.52 -3.33
CA LEU A 148 -2.11 -19.61 -2.90
C LEU A 148 -3.04 -19.31 -4.08
N PRO A 149 -3.95 -20.23 -4.44
CA PRO A 149 -4.99 -19.92 -5.43
C PRO A 149 -6.02 -19.00 -4.78
N ALA A 150 -5.60 -17.77 -4.49
CA ALA A 150 -6.30 -16.94 -3.51
C ALA A 150 -7.64 -16.42 -4.01
N HIS A 151 -7.76 -16.11 -5.29
CA HIS A 151 -8.93 -15.37 -5.76
C HIS A 151 -9.27 -15.77 -7.19
N SER A 152 -10.44 -15.29 -7.65
CA SER A 152 -10.93 -15.57 -8.99
C SER A 152 -10.90 -14.33 -9.86
N ASP A 153 -10.14 -13.33 -9.45
CA ASP A 153 -9.93 -12.08 -10.18
C ASP A 153 -8.60 -11.51 -9.72
N PRO A 154 -8.16 -10.41 -10.31
CA PRO A 154 -6.89 -9.81 -9.88
C PRO A 154 -6.84 -9.54 -8.38
N VAL A 155 -5.67 -9.75 -7.80
CA VAL A 155 -5.42 -9.48 -6.38
C VAL A 155 -4.94 -8.05 -6.26
N SER A 156 -5.62 -7.26 -5.41
CA SER A 156 -5.36 -5.84 -5.29
C SER A 156 -4.50 -5.46 -4.09
N ALA A 157 -4.44 -6.29 -3.05
CA ALA A 157 -3.65 -5.96 -1.89
C ALA A 157 -3.30 -7.24 -1.12
N VAL A 158 -2.13 -7.21 -0.48
CA VAL A 158 -1.68 -8.25 0.43
C VAL A 158 -0.95 -7.59 1.59
N HIS A 159 -1.13 -8.13 2.79
CA HIS A 159 -0.54 -7.52 3.98
C HIS A 159 -0.41 -8.55 5.09
N PHE A 160 0.72 -8.52 5.80
CA PHE A 160 0.97 -9.37 6.96
C PHE A 160 0.44 -8.70 8.23
N ASN A 161 0.09 -9.51 9.23
CA ASN A 161 -0.36 -8.96 10.51
C ASN A 161 0.85 -8.65 11.38
N ARG A 162 0.59 -8.27 12.63
CA ARG A 162 1.63 -7.69 13.50
C ARG A 162 2.83 -8.61 13.64
N ASP A 163 2.60 -9.92 13.73
CA ASP A 163 3.66 -10.89 13.94
C ASP A 163 3.90 -11.77 12.71
N GLY A 164 3.16 -11.56 11.63
CA GLY A 164 3.38 -12.31 10.41
C GLY A 164 2.72 -13.67 10.35
N SER A 165 1.91 -14.04 11.34
CA SER A 165 1.24 -15.33 11.28
C SER A 165 0.07 -15.34 10.30
N LEU A 166 -0.40 -14.17 9.87
CA LEU A 166 -1.57 -14.08 9.00
C LEU A 166 -1.28 -13.20 7.79
N ILE A 167 -1.93 -13.55 6.67
CA ILE A 167 -1.95 -12.72 5.47
C ILE A 167 -3.39 -12.36 5.17
N VAL A 168 -3.65 -11.08 4.89
CA VAL A 168 -4.92 -10.63 4.33
C VAL A 168 -4.71 -10.28 2.87
N SER A 169 -5.64 -10.75 2.03
CA SER A 169 -5.63 -10.42 0.62
C SER A 169 -7.02 -9.94 0.20
N SER A 170 -7.04 -9.10 -0.83
CA SER A 170 -8.29 -8.58 -1.37
C SER A 170 -8.24 -8.71 -2.89
N SER A 171 -9.42 -8.74 -3.50
CA SER A 171 -9.50 -8.95 -4.94
C SER A 171 -10.70 -8.23 -5.52
N TYR A 172 -10.64 -8.03 -6.84
CA TYR A 172 -11.81 -7.56 -7.58
C TYR A 172 -12.97 -8.54 -7.51
N ASP A 173 -12.73 -9.80 -7.14
CA ASP A 173 -13.85 -10.73 -6.97
C ASP A 173 -14.75 -10.37 -5.78
N GLY A 174 -14.43 -9.30 -5.05
CA GLY A 174 -15.24 -8.85 -3.94
C GLY A 174 -14.97 -9.50 -2.60
N LEU A 175 -13.90 -10.30 -2.49
CA LEU A 175 -13.61 -11.03 -1.28
C LEU A 175 -12.39 -10.46 -0.57
N CYS A 176 -12.41 -10.49 0.76
CA CYS A 176 -11.18 -10.44 1.54
C CYS A 176 -10.94 -11.82 2.15
N ARG A 177 -9.70 -12.27 2.13
CA ARG A 177 -9.38 -13.59 2.66
C ARG A 177 -8.23 -13.51 3.65
N ILE A 178 -8.41 -14.19 4.78
CA ILE A 178 -7.39 -14.33 5.83
C ILE A 178 -6.81 -15.73 5.72
N TRP A 179 -5.48 -15.78 5.60
CA TRP A 179 -4.69 -16.99 5.39
C TRP A 179 -3.72 -17.18 6.54
N ASP A 180 -3.52 -18.45 6.89
CA ASP A 180 -2.42 -18.84 7.76
C ASP A 180 -1.14 -18.89 6.94
N THR A 181 -0.18 -18.03 7.29
CA THR A 181 1.06 -17.94 6.52
C THR A 181 1.76 -19.30 6.47
N ALA A 182 1.85 -19.98 7.61
CA ALA A 182 2.65 -21.19 7.70
C ALA A 182 2.09 -22.31 6.83
N SER A 183 0.76 -22.47 6.82
CA SER A 183 0.14 -23.56 6.09
C SER A 183 -0.48 -23.15 4.76
N GLY A 184 -0.64 -21.86 4.52
CA GLY A 184 -1.31 -21.42 3.31
C GLY A 184 -2.79 -21.71 3.30
N GLN A 185 -3.36 -22.15 4.42
CA GLN A 185 -4.77 -22.47 4.47
C GLN A 185 -5.58 -21.22 4.77
N CYS A 186 -6.74 -21.13 4.14
CA CYS A 186 -7.62 -19.97 4.33
C CYS A 186 -8.35 -20.10 5.65
N LEU A 187 -8.17 -19.13 6.53
CA LEU A 187 -8.85 -19.14 7.82
C LEU A 187 -10.17 -18.40 7.80
N LYS A 188 -10.30 -17.33 7.02
CA LYS A 188 -11.57 -16.62 6.99
C LYS A 188 -11.78 -15.97 5.64
N THR A 189 -13.05 -15.81 5.27
CA THR A 189 -13.42 -15.03 4.09
C THR A 189 -14.45 -13.99 4.51
N LEU A 190 -14.14 -12.72 4.24
CA LEU A 190 -15.09 -11.63 4.43
C LEU A 190 -15.78 -11.34 3.11
N ILE A 191 -17.11 -11.54 3.13
CA ILE A 191 -18.06 -11.23 2.08
C ILE A 191 -19.02 -10.19 2.63
N ASP A 192 -19.57 -9.36 1.75
CA ASP A 192 -20.46 -8.28 2.20
C ASP A 192 -21.41 -7.93 1.07
N ASP A 193 -22.65 -8.42 1.14
CA ASP A 193 -23.77 -7.89 0.36
C ASP A 193 -23.59 -8.10 -1.14
N ASP A 194 -23.42 -7.00 -1.88
CA ASP A 194 -23.46 -7.03 -3.34
C ASP A 194 -22.08 -7.16 -3.95
N ASN A 195 -21.11 -7.67 -3.20
CA ASN A 195 -19.81 -8.08 -3.71
C ASN A 195 -19.09 -7.00 -4.51
N PRO A 196 -19.01 -5.75 -4.04
CA PRO A 196 -18.28 -4.74 -4.81
C PRO A 196 -16.80 -5.07 -4.83
N PRO A 197 -16.10 -4.73 -5.92
CA PRO A 197 -14.67 -5.05 -5.99
C PRO A 197 -13.91 -4.43 -4.82
N VAL A 198 -13.05 -5.23 -4.21
CA VAL A 198 -12.21 -4.75 -3.12
C VAL A 198 -10.88 -4.30 -3.70
N SER A 199 -10.54 -3.04 -3.49
CA SER A 199 -9.38 -2.41 -4.10
C SER A 199 -8.18 -2.33 -3.18
N PHE A 200 -8.38 -2.52 -1.87
CA PHE A 200 -7.28 -2.40 -0.92
C PHE A 200 -7.69 -3.02 0.40
N VAL A 201 -6.70 -3.53 1.13
CA VAL A 201 -6.94 -4.13 2.43
C VAL A 201 -5.63 -4.11 3.22
N LYS A 202 -5.74 -3.94 4.53
CA LYS A 202 -4.56 -3.98 5.40
C LYS A 202 -4.98 -4.14 6.85
N PHE A 203 -4.14 -4.80 7.64
CA PHE A 203 -4.38 -4.97 9.06
C PHE A 203 -4.17 -3.66 9.82
N SER A 204 -4.91 -3.52 10.93
CA SER A 204 -4.62 -2.48 11.89
C SER A 204 -3.28 -2.76 12.56
N PRO A 205 -2.63 -1.73 13.11
CA PRO A 205 -1.33 -1.98 13.76
C PRO A 205 -1.39 -3.04 14.85
N ASN A 206 -2.49 -3.09 15.62
CA ASN A 206 -2.64 -4.12 16.63
C ASN A 206 -3.02 -5.48 16.05
N GLY A 207 -3.37 -5.54 14.76
CA GLY A 207 -3.71 -6.80 14.13
C GLY A 207 -5.08 -7.34 14.44
N LYS A 208 -5.92 -6.57 15.15
CA LYS A 208 -7.27 -7.02 15.45
C LYS A 208 -8.29 -6.64 14.37
N TYR A 209 -8.05 -5.54 13.66
CA TYR A 209 -9.01 -5.03 12.69
C TYR A 209 -8.41 -5.02 11.29
N ILE A 210 -9.30 -4.94 10.32
CA ILE A 210 -8.93 -4.94 8.90
C ILE A 210 -9.65 -3.79 8.22
N LEU A 211 -8.89 -2.94 7.52
CA LEU A 211 -9.44 -1.84 6.76
C LEU A 211 -9.52 -2.24 5.29
N ALA A 212 -10.70 -2.10 4.69
CA ALA A 212 -10.94 -2.55 3.32
C ALA A 212 -11.59 -1.45 2.52
N ALA A 213 -11.03 -1.17 1.35
CA ALA A 213 -11.62 -0.23 0.40
C ALA A 213 -12.38 -1.00 -0.68
N THR A 214 -13.56 -0.52 -1.03
CA THR A 214 -14.30 -1.09 -2.14
C THR A 214 -14.53 -0.02 -3.20
N LEU A 215 -14.67 -0.45 -4.45
CA LEU A 215 -14.84 0.51 -5.54
C LEU A 215 -16.29 0.99 -5.66
N ASP A 216 -16.87 1.36 -4.53
CA ASP A 216 -18.15 2.04 -4.46
C ASP A 216 -18.05 3.23 -3.51
N ASN A 217 -16.87 3.85 -3.49
CA ASN A 217 -16.60 5.07 -2.73
C ASN A 217 -16.71 4.83 -1.23
N THR A 218 -16.20 3.68 -0.77
CA THR A 218 -16.43 3.23 0.59
C THR A 218 -15.19 2.61 1.21
N LEU A 219 -14.93 2.94 2.48
CA LEU A 219 -13.97 2.26 3.34
C LEU A 219 -14.71 1.62 4.51
N LYS A 220 -14.27 0.43 4.91
CA LYS A 220 -14.88 -0.26 6.03
C LYS A 220 -13.82 -0.80 6.98
N LEU A 221 -14.11 -0.69 8.27
CA LEU A 221 -13.29 -1.23 9.35
C LEU A 221 -14.01 -2.46 9.91
N TRP A 222 -13.40 -3.62 9.71
CA TRP A 222 -13.92 -4.92 10.12
C TRP A 222 -13.17 -5.43 11.34
N ASP A 223 -13.89 -6.11 12.22
CA ASP A 223 -13.29 -6.86 13.30
C ASP A 223 -12.98 -8.27 12.78
N TYR A 224 -11.70 -8.62 12.75
CA TYR A 224 -11.29 -9.88 12.12
C TYR A 224 -11.89 -11.09 12.84
N SER A 225 -11.82 -11.09 14.17
CA SER A 225 -12.30 -12.23 14.94
C SER A 225 -13.79 -12.46 14.69
N LYS A 226 -14.60 -11.41 14.74
CA LYS A 226 -16.03 -11.55 14.66
C LYS A 226 -16.57 -11.62 13.23
N GLY A 227 -15.81 -11.15 12.25
CA GLY A 227 -16.34 -11.07 10.90
C GLY A 227 -17.40 -9.99 10.75
N LYS A 228 -17.33 -8.95 11.58
CA LYS A 228 -18.33 -7.90 11.64
C LYS A 228 -17.71 -6.58 11.20
N CYS A 229 -18.41 -5.87 10.32
CA CYS A 229 -18.02 -4.51 9.98
C CYS A 229 -18.35 -3.59 11.14
N LEU A 230 -17.35 -2.87 11.64
CA LEU A 230 -17.56 -1.96 12.76
C LEU A 230 -17.76 -0.52 12.30
N LYS A 231 -16.97 -0.04 11.35
CA LYS A 231 -17.08 1.34 10.92
C LYS A 231 -17.15 1.43 9.41
N THR A 232 -17.76 2.50 8.92
CA THR A 232 -17.76 2.83 7.51
C THR A 232 -17.38 4.30 7.33
N TYR A 233 -16.60 4.57 6.30
CA TYR A 233 -16.10 5.89 5.99
C TYR A 233 -16.43 6.21 4.52
N THR A 234 -17.05 7.36 4.31
CA THR A 234 -17.52 7.78 2.98
C THR A 234 -17.25 9.27 2.82
N GLY A 235 -17.61 9.80 1.65
CA GLY A 235 -17.37 11.18 1.28
C GLY A 235 -16.33 11.36 0.22
N HIS A 236 -15.43 10.39 0.05
CA HIS A 236 -14.43 10.42 -1.00
C HIS A 236 -14.96 9.76 -2.27
N LYS A 237 -14.19 9.90 -3.34
CA LYS A 237 -14.50 9.26 -4.61
C LYS A 237 -13.51 8.13 -4.82
N ASN A 238 -14.02 6.90 -4.92
CA ASN A 238 -13.20 5.73 -5.20
C ASN A 238 -14.01 4.74 -6.01
N GLU A 239 -13.84 4.79 -7.34
CA GLU A 239 -14.57 3.91 -8.24
C GLU A 239 -13.71 3.19 -9.28
N LYS A 240 -12.47 3.65 -9.52
CA LYS A 240 -11.69 3.16 -10.66
C LYS A 240 -10.30 2.66 -10.29
N TYR A 241 -9.70 3.14 -9.21
CA TYR A 241 -8.31 2.84 -8.89
C TYR A 241 -8.19 2.14 -7.54
N CYS A 242 -7.09 1.42 -7.36
CA CYS A 242 -6.78 0.76 -6.09
C CYS A 242 -5.95 1.74 -5.25
N ILE A 243 -6.62 2.47 -4.37
CA ILE A 243 -6.01 3.55 -3.61
C ILE A 243 -5.59 3.03 -2.24
N PHE A 244 -4.36 3.37 -1.84
CA PHE A 244 -3.88 2.98 -0.51
C PHE A 244 -4.61 3.78 0.56
N ALA A 245 -4.92 3.10 1.67
CA ALA A 245 -5.48 3.74 2.86
C ALA A 245 -4.63 3.34 4.07
N ASN A 246 -4.75 4.13 5.14
CA ASN A 246 -3.83 3.99 6.27
C ASN A 246 -4.56 4.24 7.59
N PHE A 247 -4.01 3.62 8.63
CA PHE A 247 -4.26 4.01 10.01
C PHE A 247 -3.18 5.01 10.43
N SER A 248 -3.60 6.20 10.87
CA SER A 248 -2.69 7.18 11.43
C SER A 248 -2.80 7.13 12.95
N VAL A 249 -1.67 6.84 13.61
CA VAL A 249 -1.63 6.51 15.03
C VAL A 249 -0.65 7.36 15.81
N THR A 250 0.12 8.23 15.17
CA THR A 250 1.14 8.98 15.90
C THR A 250 0.52 10.08 16.77
N GLY A 251 -0.60 10.66 16.33
CA GLY A 251 -1.31 11.62 17.15
C GLY A 251 -2.71 11.13 17.44
N GLY A 252 -3.72 11.85 16.93
CA GLY A 252 -5.07 11.32 16.95
C GLY A 252 -5.19 10.09 16.08
N LYS A 253 -6.27 9.34 16.30
CA LYS A 253 -6.47 8.09 15.60
C LYS A 253 -7.29 8.36 14.34
N TRP A 254 -6.62 8.48 13.20
CA TRP A 254 -7.33 8.80 11.97
C TRP A 254 -7.28 7.65 10.96
N ILE A 255 -8.20 7.72 10.00
CA ILE A 255 -8.12 6.97 8.75
C ILE A 255 -7.76 7.94 7.63
N VAL A 256 -6.75 7.57 6.85
CA VAL A 256 -6.21 8.45 5.81
C VAL A 256 -6.33 7.73 4.47
N SER A 257 -6.84 8.42 3.46
CA SER A 257 -6.95 7.79 2.14
C SER A 257 -6.77 8.83 1.05
N GLY A 258 -6.37 8.34 -0.12
CA GLY A 258 -6.43 9.12 -1.33
C GLY A 258 -7.84 9.13 -1.90
N SER A 259 -8.00 9.86 -3.00
CA SER A 259 -9.32 10.00 -3.58
C SER A 259 -9.17 10.39 -5.05
N GLU A 260 -10.19 10.06 -5.83
CA GLU A 260 -10.21 10.35 -7.26
C GLU A 260 -10.64 11.78 -7.56
N ASP A 261 -10.98 12.58 -6.55
CA ASP A 261 -11.17 14.01 -6.72
C ASP A 261 -9.92 14.81 -6.35
N ASN A 262 -8.76 14.16 -6.35
CA ASN A 262 -7.46 14.79 -6.15
C ASN A 262 -7.23 15.28 -4.72
N LEU A 263 -7.96 14.76 -3.75
CA LEU A 263 -7.88 15.19 -2.37
C LEU A 263 -7.37 14.07 -1.47
N VAL A 264 -6.73 14.45 -0.37
CA VAL A 264 -6.43 13.50 0.70
C VAL A 264 -7.52 13.62 1.75
N TYR A 265 -8.18 12.52 2.07
CA TYR A 265 -9.26 12.51 3.05
C TYR A 265 -8.76 11.95 4.37
N ILE A 266 -9.10 12.62 5.47
CA ILE A 266 -8.77 12.19 6.82
C ILE A 266 -10.05 12.17 7.65
N TRP A 267 -10.38 10.98 8.18
CA TRP A 267 -11.53 10.75 9.05
C TRP A 267 -11.09 10.46 10.47
N ASN A 268 -11.95 10.83 11.41
CA ASN A 268 -11.88 10.28 12.76
C ASN A 268 -12.25 8.81 12.73
N LEU A 269 -11.40 7.96 13.33
CA LEU A 269 -11.65 6.51 13.29
C LEU A 269 -12.94 6.14 14.01
N GLN A 270 -13.13 6.68 15.22
CA GLN A 270 -14.29 6.29 16.02
C GLN A 270 -15.58 6.88 15.48
N THR A 271 -15.56 8.16 15.15
CA THR A 271 -16.78 8.89 14.84
C THR A 271 -17.13 8.87 13.36
N LYS A 272 -16.18 8.56 12.49
CA LYS A 272 -16.31 8.44 11.04
C LYS A 272 -16.50 9.79 10.37
N GLU A 273 -16.46 10.90 11.12
CA GLU A 273 -16.55 12.22 10.53
C GLU A 273 -15.28 12.56 9.77
N ILE A 274 -15.43 13.18 8.61
CA ILE A 274 -14.30 13.75 7.90
C ILE A 274 -13.75 14.90 8.71
N VAL A 275 -12.47 14.81 9.10
CA VAL A 275 -11.83 15.84 9.90
C VAL A 275 -10.85 16.68 9.09
N GLN A 276 -10.45 16.24 7.91
CA GLN A 276 -9.70 17.15 7.04
C GLN A 276 -9.69 16.65 5.61
N LYS A 277 -9.58 17.59 4.67
CA LYS A 277 -9.31 17.30 3.26
C LYS A 277 -8.12 18.13 2.82
N LEU A 278 -7.08 17.45 2.34
CA LEU A 278 -5.85 18.08 1.90
C LEU A 278 -5.92 18.32 0.40
N GLN A 279 -5.82 19.59 0.01
CA GLN A 279 -5.96 20.08 -1.34
C GLN A 279 -4.60 20.46 -1.90
N GLY A 280 -4.43 20.28 -3.20
CA GLY A 280 -3.17 20.65 -3.83
C GLY A 280 -2.71 19.74 -4.96
N HIS A 281 -3.10 18.48 -4.92
CA HIS A 281 -2.80 17.57 -6.04
C HIS A 281 -3.70 17.88 -7.24
N THR A 282 -3.13 17.71 -8.43
CA THR A 282 -3.85 18.00 -9.67
C THR A 282 -4.21 16.74 -10.44
N ASP A 283 -4.24 15.59 -9.77
CA ASP A 283 -4.76 14.35 -10.33
C ASP A 283 -5.20 13.44 -9.18
N VAL A 284 -5.70 12.26 -9.55
CA VAL A 284 -6.08 11.23 -8.58
C VAL A 284 -4.93 10.96 -7.61
N VAL A 285 -5.25 11.00 -6.32
CA VAL A 285 -4.27 10.70 -5.28
C VAL A 285 -4.34 9.19 -5.08
N ILE A 286 -3.36 8.48 -5.63
CA ILE A 286 -3.39 7.02 -5.68
C ILE A 286 -2.84 6.40 -4.41
N SER A 287 -1.99 7.12 -3.69
CA SER A 287 -1.26 6.53 -2.57
C SER A 287 -1.07 7.57 -1.48
N THR A 288 -1.30 7.14 -0.25
CA THR A 288 -0.93 7.88 0.95
C THR A 288 -0.16 6.95 1.89
N ALA A 289 0.68 7.56 2.71
CA ALA A 289 1.50 6.83 3.67
C ALA A 289 1.69 7.71 4.89
N CYS A 290 1.75 7.08 6.07
CA CYS A 290 1.82 7.80 7.34
C CYS A 290 3.13 7.50 8.03
N HIS A 291 3.79 8.56 8.51
CA HIS A 291 5.12 8.42 9.07
C HIS A 291 5.07 7.64 10.39
N PRO A 292 6.01 6.73 10.62
CA PRO A 292 5.93 5.85 11.79
C PRO A 292 5.99 6.57 13.13
N THR A 293 6.56 7.77 13.21
CA THR A 293 6.68 8.41 14.53
C THR A 293 6.21 9.86 14.56
N GLU A 294 6.25 10.54 13.42
CA GLU A 294 5.82 11.93 13.34
C GLU A 294 4.45 12.03 12.66
N ASN A 295 3.75 13.12 12.93
CA ASN A 295 2.48 13.41 12.26
C ASN A 295 2.76 13.93 10.86
N ILE A 296 3.20 13.02 9.99
CA ILE A 296 3.60 13.35 8.63
C ILE A 296 2.88 12.40 7.67
N ILE A 297 2.28 12.98 6.63
CA ILE A 297 1.60 12.22 5.57
C ILE A 297 2.36 12.45 4.27
N ALA A 298 2.58 11.37 3.53
CA ALA A 298 3.08 11.44 2.16
C ALA A 298 1.95 11.05 1.22
N SER A 299 1.74 11.83 0.16
CA SER A 299 0.70 11.56 -0.82
C SER A 299 1.30 11.64 -2.21
N ALA A 300 0.70 10.90 -3.15
CA ALA A 300 1.22 10.90 -4.52
C ALA A 300 0.08 10.75 -5.52
N ALA A 301 0.29 11.28 -6.73
CA ALA A 301 -0.77 11.42 -7.71
C ALA A 301 -0.34 10.88 -9.08
N LEU A 302 -1.34 10.80 -9.98
CA LEU A 302 -1.23 10.15 -11.27
C LEU A 302 -0.78 11.13 -12.37
N GLU A 303 -1.03 10.77 -13.63
CA GLU A 303 -0.34 11.33 -14.79
C GLU A 303 -0.31 12.85 -14.81
N ASN A 304 -1.45 13.51 -14.60
CA ASN A 304 -1.43 14.97 -14.71
C ASN A 304 -0.68 15.67 -13.59
N ASP A 305 -0.23 14.95 -12.56
CA ASP A 305 0.49 15.57 -11.44
C ASP A 305 1.92 15.05 -11.32
N LYS A 306 2.10 13.74 -11.16
CA LYS A 306 3.41 13.07 -11.10
C LYS A 306 4.27 13.53 -9.92
N THR A 307 3.70 14.13 -8.88
CA THR A 307 4.51 14.55 -7.74
C THR A 307 4.07 13.88 -6.46
N ILE A 308 4.97 13.94 -5.48
CA ILE A 308 4.72 13.53 -4.11
C ILE A 308 4.68 14.78 -3.25
N LYS A 309 3.73 14.83 -2.31
CA LYS A 309 3.62 15.92 -1.37
C LYS A 309 3.75 15.41 0.06
N LEU A 310 4.50 16.14 0.87
CA LEU A 310 4.66 15.84 2.28
C LEU A 310 3.88 16.87 3.09
N TRP A 311 3.14 16.39 4.09
CA TRP A 311 2.27 17.21 4.92
C TRP A 311 2.60 16.98 6.38
N LYS A 312 2.57 18.05 7.16
CA LYS A 312 2.90 18.00 8.58
C LYS A 312 1.74 18.56 9.41
N SER A 313 1.49 17.94 10.56
CA SER A 313 0.41 18.37 11.45
C SER A 313 0.91 18.39 12.88
N ASP A 314 0.19 19.15 13.72
CA ASP A 314 0.50 19.19 15.15
C ASP A 314 -0.20 18.08 15.92
N CYS A 315 -1.29 17.52 15.42
CA CYS A 315 -1.89 16.34 16.03
C CYS A 315 -2.28 15.31 14.99
N MET B 1 -1.00 -2.89 -13.31
CA MET B 1 -0.97 -1.45 -13.61
C MET B 1 -1.94 -0.69 -12.72
N ARG B 2 -1.46 -0.30 -11.53
CA ARG B 2 -2.27 0.48 -10.60
C ARG B 2 -2.55 1.88 -11.11
N VAL B 3 -1.68 2.39 -11.98
CA VAL B 3 -1.81 3.74 -12.51
C VAL B 3 -2.89 3.84 -13.58
N GLU B 4 -3.40 2.71 -14.06
CA GLU B 4 -4.43 2.70 -15.07
C GLU B 4 -5.77 2.34 -14.43
N PRO B 5 -6.86 2.95 -14.88
CA PRO B 5 -8.17 2.66 -14.28
C PRO B 5 -8.69 1.30 -14.71
N ARG B 6 -9.57 0.75 -13.88
CA ARG B 6 -10.21 -0.51 -14.20
C ARG B 6 -11.46 -0.27 -15.02
#